data_1X39
#
_entry.id   1X39
#
_cell.length_a   99.991
_cell.length_b   99.991
_cell.length_c   184.386
_cell.angle_alpha   90.00
_cell.angle_beta   90.00
_cell.angle_gamma   90.00
#
_symmetry.space_group_name_H-M   'P 43 21 2'
#
loop_
_entity.id
_entity.type
_entity.pdbx_description
1 polymer 'beta-D-glucan exohydrolase isoenzyme ExoI'
2 branched beta-D-mannopyranose-(1-4)-2-acetamido-2-deoxy-beta-D-glucopyranose-(1-4)-2-acetamido-2-deoxy-beta-D-glucopyranose
3 branched 2-acetamido-2-deoxy-beta-D-glucopyranose-(1-2)-alpha-D-mannopyranose-(1-6)-[beta-D-xylopyranose-(1-2)]beta-D-mannopyranose-(1-4)-2-acetamido-2-deoxy-beta-D-glucopyranose-(1-4)-[alpha-L-fucopyranose-(1-3)]2-acetamido-2-deoxy-beta-D-glucopyranose
4 branched beta-D-xylopyranose-(1-2)-beta-D-mannopyranose-(1-4)-2-acetamido-2-deoxy-beta-D-glucopyranose-(1-4)-[alpha-L-fucopyranose-(1-3)]2-acetamido-2-deoxy-beta-D-glucopyranose
5 non-polymer 'SULFATE ION'
6 non-polymer (5R,6R,7S,8S)-3-(ANILINOMETHYL)-5,6,7,8-TETRAHYDRO-5-(HYDROXYMETHYL)-IMIDAZO[1,2-A]PYRIDINE-6,7,8-TRIOL
7 non-polymer GLYCEROL
8 water water
#
_entity_poly.entity_id   1
_entity_poly.type   'polypeptide(L)'
_entity_poly.pdbx_seq_one_letter_code
;DYVLYKDATKPVEDRVADLLGRMTLAEKIGQMTQIERLVATPDVLRDNFIGSLLSGGGSVPRKGATAKEWQDMVDGFQKA
CMSTRLGIPMIYGIDAVHGQNNVYGATIFPHNVGLGATRDPYLVKRIGEATALEVRATGIQYAFAPCIAVCRDPRWGRCY
ESYSEDRRIVQSMTELIPGLQGDVPKDFTSGMPFVAGKNKVAACAKHFVGDGGTVDGINENNTIINREGLMNIHMPAYKN
AMDKGVSTVMISYSSWNGVKMHANQDLVTGYLKDTLKFKGFVISDWEGIDRITTPAGSDYSYSVKASILAGLDMIMVPNK
YQQFISILTGHVNGGVIPMSRIDDAVTRILRVKFTMGLFENPYADPAMAEQLGKQEHRDLAREAARKSLVLLKNGKTSTD
APLLPLPKKAPKILVAGSHADNLGYQCGGWTIEWQGDTGRTTVGTTILEAVKAAVDPSTVVVFAENPDAEFVKSGGFSYA
IVAVGEHPYTETKGDNLNLTIPEPGLSTVQAVCGGVRCATVLISGRPVVVQPLLAASDALVAAWLPGSEGQGVTDALFGD
FGFTGRLPRTWFKSVDQLPMNVGDAHYDPLFRLGYGLTTNAT
;
_entity_poly.pdbx_strand_id   A
#
# COMPACT_ATOMS: atom_id res chain seq x y z
N ASP A 1 -12.55 -16.68 41.17
CA ASP A 1 -11.09 -16.86 40.99
C ASP A 1 -10.45 -15.62 40.36
N TYR A 2 -9.21 -15.33 40.75
CA TYR A 2 -8.40 -14.34 40.03
C TYR A 2 -8.18 -14.82 38.61
N VAL A 3 -8.37 -13.92 37.64
CA VAL A 3 -8.26 -14.25 36.22
C VAL A 3 -7.07 -13.52 35.61
N LEU A 4 -5.96 -14.25 35.46
CA LEU A 4 -4.68 -13.66 35.07
C LEU A 4 -4.73 -12.89 33.75
N TYR A 5 -5.39 -13.43 32.73
CA TYR A 5 -5.35 -12.77 31.41
C TYR A 5 -5.97 -11.39 31.40
N LYS A 6 -6.85 -11.13 32.36
CA LYS A 6 -7.50 -9.82 32.48
C LYS A 6 -6.64 -8.79 33.22
N ASP A 7 -5.49 -9.24 33.74
CA ASP A 7 -4.61 -8.39 34.53
C ASP A 7 -3.56 -7.69 33.67
N ALA A 8 -3.76 -6.40 33.45
CA ALA A 8 -2.89 -5.59 32.58
C ALA A 8 -1.44 -5.50 33.05
N THR A 9 -1.20 -5.81 34.33
CA THR A 9 0.15 -5.72 34.91
C THR A 9 0.99 -6.97 34.60
N LYS A 10 0.36 -8.00 34.05
CA LYS A 10 1.04 -9.29 33.88
C LYS A 10 1.76 -9.39 32.55
N PRO A 11 2.86 -10.18 32.49
CA PRO A 11 3.58 -10.38 31.23
C PRO A 11 2.71 -10.95 30.11
N VAL A 12 2.92 -10.45 28.90
CA VAL A 12 2.17 -10.90 27.71
C VAL A 12 2.09 -12.43 27.60
N GLU A 13 3.23 -13.12 27.68
CA GLU A 13 3.22 -14.57 27.52
C GLU A 13 2.39 -15.27 28.59
N ASP A 14 2.40 -14.73 29.80
CA ASP A 14 1.57 -15.27 30.90
C ASP A 14 0.09 -15.06 30.63
N ARG A 15 -0.27 -13.87 30.16
CA ARG A 15 -1.66 -13.56 29.80
C ARG A 15 -2.13 -14.44 28.63
N VAL A 16 -1.27 -14.59 27.63
CA VAL A 16 -1.59 -15.48 26.49
C VAL A 16 -1.87 -16.92 26.96
N ALA A 17 -0.94 -17.47 27.75
CA ALA A 17 -1.06 -18.84 28.23
C ALA A 17 -2.33 -19.04 29.07
N ASP A 18 -2.64 -18.04 29.90
CA ASP A 18 -3.79 -18.13 30.79
C ASP A 18 -5.10 -18.12 30.04
N LEU A 19 -5.20 -17.24 29.04
CA LEU A 19 -6.40 -17.15 28.21
C LEU A 19 -6.57 -18.42 27.39
N LEU A 20 -5.50 -18.83 26.70
CA LEU A 20 -5.56 -20.00 25.83
C LEU A 20 -6.06 -21.25 26.57
N GLY A 21 -5.62 -21.41 27.81
CA GLY A 21 -5.96 -22.58 28.60
C GLY A 21 -7.42 -22.64 29.01
N ARG A 22 -8.12 -21.53 28.84
CA ARG A 22 -9.55 -21.41 29.18
C ARG A 22 -10.48 -21.57 27.97
N MET A 23 -9.92 -21.56 26.77
CA MET A 23 -10.73 -21.48 25.56
C MET A 23 -11.24 -22.82 25.05
N THR A 24 -12.49 -22.82 24.60
CA THR A 24 -13.06 -23.97 23.88
C THR A 24 -12.55 -23.98 22.45
N LEU A 25 -12.72 -25.11 21.77
CA LEU A 25 -12.33 -25.19 20.36
C LEU A 25 -13.04 -24.14 19.52
N ALA A 26 -14.34 -23.95 19.75
CA ALA A 26 -15.10 -22.90 19.07
C ALA A 26 -14.50 -21.50 19.28
N GLU A 27 -14.10 -21.20 20.51
CA GLU A 27 -13.51 -19.91 20.82
C GLU A 27 -12.15 -19.76 20.12
N LYS A 28 -11.38 -20.84 20.08
CA LYS A 28 -10.08 -20.83 19.39
C LYS A 28 -10.19 -20.61 17.88
N ILE A 29 -11.04 -21.41 17.24
CA ILE A 29 -11.27 -21.28 15.79
C ILE A 29 -11.89 -19.91 15.44
N GLY A 30 -12.76 -19.41 16.32
CA GLY A 30 -13.26 -18.05 16.21
C GLY A 30 -12.13 -17.03 16.09
N GLN A 31 -11.14 -17.11 16.96
CA GLN A 31 -9.97 -16.19 16.90
C GLN A 31 -9.28 -16.21 15.55
N MET A 32 -9.24 -17.38 14.93
CA MET A 32 -8.56 -17.59 13.66
C MET A 32 -9.35 -17.09 12.45
N THR A 33 -10.55 -16.57 12.71
CA THR A 33 -11.49 -16.18 11.65
C THR A 33 -11.58 -14.66 11.50
N GLN A 34 -11.28 -14.16 10.29
CA GLN A 34 -11.44 -12.74 9.98
C GLN A 34 -12.53 -12.58 8.93
N ILE A 35 -13.50 -11.71 9.22
CA ILE A 35 -14.63 -11.54 8.30
C ILE A 35 -14.80 -10.08 7.85
N GLU A 36 -15.38 -9.91 6.66
CA GLU A 36 -15.73 -8.58 6.17
C GLU A 36 -16.80 -7.94 7.05
N ARG A 37 -16.66 -6.64 7.32
CA ARG A 37 -17.74 -5.89 7.98
C ARG A 37 -19.07 -6.08 7.25
N LEU A 38 -19.00 -6.31 5.95
CA LEU A 38 -20.21 -6.49 5.15
C LEU A 38 -21.05 -7.70 5.55
N VAL A 39 -20.43 -8.71 6.17
CA VAL A 39 -21.17 -9.88 6.65
C VAL A 39 -21.30 -9.95 8.18
N ALA A 40 -20.82 -8.92 8.86
CA ALA A 40 -20.79 -8.91 10.32
C ALA A 40 -22.08 -8.34 10.88
N THR A 41 -22.55 -8.93 11.98
CA THR A 41 -23.64 -8.39 12.78
C THR A 41 -23.25 -8.67 14.24
N PRO A 42 -23.85 -7.96 15.21
CA PRO A 42 -23.50 -8.30 16.60
C PRO A 42 -23.69 -9.79 16.93
N ASP A 43 -24.81 -10.38 16.52
CA ASP A 43 -25.07 -11.80 16.79
C ASP A 43 -24.03 -12.72 16.16
N VAL A 44 -23.65 -12.43 14.91
CA VAL A 44 -22.64 -13.22 14.22
C VAL A 44 -21.29 -13.18 14.96
N LEU A 45 -20.91 -11.98 15.40
CA LEU A 45 -19.61 -11.78 16.04
C LEU A 45 -19.55 -12.50 17.39
N ARG A 46 -20.66 -12.46 18.12
CA ARG A 46 -20.77 -13.11 19.42
C ARG A 46 -20.88 -14.62 19.26
N ASP A 47 -21.81 -15.06 18.41
CA ASP A 47 -22.15 -16.49 18.32
C ASP A 47 -20.99 -17.32 17.77
N ASN A 48 -20.16 -16.71 16.92
CA ASN A 48 -19.04 -17.38 16.28
C ASN A 48 -17.68 -17.00 16.90
N PHE A 49 -17.70 -16.20 17.96
CA PHE A 49 -16.49 -15.86 18.69
C PHE A 49 -15.42 -15.27 17.76
N ILE A 50 -15.86 -14.41 16.83
CA ILE A 50 -15.00 -13.92 15.74
C ILE A 50 -13.79 -13.13 16.27
N GLY A 51 -12.61 -13.41 15.73
CA GLY A 51 -11.38 -12.76 16.19
C GLY A 51 -11.02 -11.46 15.49
N SER A 52 -11.49 -11.29 14.26
CA SER A 52 -11.06 -10.12 13.50
C SER A 52 -12.08 -9.72 12.43
N LEU A 53 -12.11 -8.43 12.09
CA LEU A 53 -12.89 -7.92 10.96
C LEU A 53 -11.98 -7.13 10.07
N LEU A 54 -12.39 -6.95 8.82
CA LEU A 54 -11.70 -6.01 7.94
C LEU A 54 -12.69 -5.26 7.06
N SER A 55 -12.22 -4.15 6.52
CA SER A 55 -12.81 -3.49 5.37
C SER A 55 -11.87 -3.79 4.23
N GLY A 56 -12.39 -4.46 3.21
CA GLY A 56 -11.70 -4.54 1.92
C GLY A 56 -11.76 -3.17 1.25
N GLY A 57 -11.13 -3.03 0.10
CA GLY A 57 -11.15 -1.73 -0.63
C GLY A 57 -12.59 -1.30 -0.89
N GLY A 58 -12.96 -0.08 -0.51
CA GLY A 58 -14.30 0.46 -0.73
C GLY A 58 -15.37 -0.04 0.25
N SER A 59 -14.96 -0.85 1.23
CA SER A 59 -15.91 -1.33 2.26
C SER A 59 -16.03 -0.31 3.40
N VAL A 60 -17.04 0.55 3.30
CA VAL A 60 -17.15 1.71 4.17
C VAL A 60 -18.58 1.82 4.73
N PRO A 61 -18.74 2.39 5.94
CA PRO A 61 -20.08 2.48 6.53
C PRO A 61 -21.09 3.32 5.74
N ARG A 62 -20.61 4.41 5.15
CA ARG A 62 -21.42 5.27 4.27
C ARG A 62 -20.44 5.98 3.37
N LYS A 63 -20.90 6.41 2.21
CA LYS A 63 -20.10 7.29 1.36
C LYS A 63 -19.89 8.60 2.12
N GLY A 64 -18.65 9.06 2.16
CA GLY A 64 -18.32 10.34 2.81
C GLY A 64 -18.39 10.30 4.33
N ALA A 65 -18.29 9.10 4.90
CA ALA A 65 -18.42 8.94 6.35
C ALA A 65 -17.35 9.71 7.11
N THR A 66 -17.74 10.33 8.21
CA THR A 66 -16.77 11.02 9.08
C THR A 66 -15.90 10.05 9.87
N ALA A 67 -14.83 10.57 10.46
CA ALA A 67 -14.00 9.76 11.35
C ALA A 67 -14.84 9.22 12.50
N LYS A 68 -15.73 10.05 13.05
CA LYS A 68 -16.63 9.60 14.13
C LYS A 68 -17.53 8.44 13.68
N GLU A 69 -18.03 8.48 12.45
CA GLU A 69 -18.85 7.39 11.91
C GLU A 69 -18.08 6.07 11.87
N TRP A 70 -16.83 6.15 11.42
CA TRP A 70 -15.96 4.97 11.44
C TRP A 70 -15.78 4.45 12.88
N GLN A 71 -15.49 5.36 13.81
CA GLN A 71 -15.28 4.96 15.19
C GLN A 71 -16.51 4.25 15.76
N ASP A 72 -17.68 4.81 15.49
CA ASP A 72 -18.93 4.24 15.99
C ASP A 72 -19.20 2.85 15.41
N MET A 73 -18.88 2.68 14.13
CA MET A 73 -19.01 1.38 13.48
C MET A 73 -18.09 0.33 14.12
N VAL A 74 -16.80 0.68 14.24
CA VAL A 74 -15.83 -0.23 14.85
C VAL A 74 -16.20 -0.55 16.30
N ASP A 75 -16.56 0.47 17.09
CA ASP A 75 -16.98 0.27 18.48
C ASP A 75 -18.23 -0.63 18.60
N GLY A 76 -19.16 -0.53 17.65
CA GLY A 76 -20.37 -1.39 17.64
C GLY A 76 -19.99 -2.86 17.49
N PHE A 77 -19.06 -3.13 16.58
CA PHE A 77 -18.52 -4.47 16.38
C PHE A 77 -17.76 -4.92 17.64
N GLN A 78 -16.93 -4.03 18.20
CA GLN A 78 -16.18 -4.34 19.42
C GLN A 78 -17.07 -4.68 20.62
N LYS A 79 -18.15 -3.92 20.78
CA LYS A 79 -19.11 -4.18 21.87
C LYS A 79 -19.65 -5.61 21.81
N ALA A 80 -19.96 -6.08 20.60
CA ALA A 80 -20.45 -7.45 20.42
C ALA A 80 -19.36 -8.47 20.80
N CYS A 81 -18.13 -8.24 20.33
CA CYS A 81 -17.04 -9.16 20.66
C CYS A 81 -16.73 -9.17 22.15
N MET A 82 -16.80 -8.02 22.79
CA MET A 82 -16.49 -7.90 24.22
C MET A 82 -17.58 -8.53 25.09
N SER A 83 -18.74 -8.82 24.48
CA SER A 83 -19.86 -9.42 25.20
C SER A 83 -19.81 -10.94 25.25
N THR A 84 -18.80 -11.53 24.61
CA THR A 84 -18.64 -13.00 24.64
C THR A 84 -18.22 -13.42 26.04
N ARG A 85 -18.29 -14.73 26.30
CA ARG A 85 -17.90 -15.28 27.59
C ARG A 85 -16.52 -14.80 28.06
N LEU A 86 -15.54 -14.85 27.17
CA LEU A 86 -14.16 -14.48 27.52
C LEU A 86 -13.86 -13.01 27.25
N GLY A 87 -14.73 -12.35 26.48
CA GLY A 87 -14.57 -10.93 26.18
C GLY A 87 -13.25 -10.62 25.48
N ILE A 88 -12.92 -11.40 24.46
CA ILE A 88 -11.69 -11.17 23.71
C ILE A 88 -11.98 -10.10 22.65
N PRO A 89 -11.26 -8.96 22.70
CA PRO A 89 -11.53 -7.90 21.72
C PRO A 89 -11.14 -8.34 20.31
N MET A 90 -11.93 -7.92 19.32
CA MET A 90 -11.52 -8.13 17.94
C MET A 90 -10.50 -7.08 17.52
N ILE A 91 -9.70 -7.42 16.51
CA ILE A 91 -8.80 -6.47 15.84
C ILE A 91 -9.40 -6.19 14.46
N TYR A 92 -9.46 -4.91 14.08
CA TYR A 92 -10.04 -4.50 12.81
C TYR A 92 -8.92 -4.07 11.88
N GLY A 93 -8.89 -4.68 10.70
CA GLY A 93 -7.86 -4.39 9.70
C GLY A 93 -8.37 -3.66 8.47
N ILE A 94 -7.47 -2.91 7.82
CA ILE A 94 -7.81 -2.18 6.60
C ILE A 94 -6.54 -1.94 5.77
N ASP A 95 -6.70 -1.80 4.45
CA ASP A 95 -5.59 -1.40 3.61
C ASP A 95 -5.36 0.11 3.71
N ALA A 96 -4.58 0.52 4.70
CA ALA A 96 -4.06 1.88 4.78
C ALA A 96 -2.66 1.78 4.20
N VAL A 97 -2.57 1.87 2.87
CA VAL A 97 -1.32 1.61 2.14
C VAL A 97 -0.67 2.87 1.54
N HIS A 98 -1.41 3.98 1.50
CA HIS A 98 -0.81 5.30 1.22
C HIS A 98 -1.62 6.37 1.93
N GLY A 99 -1.57 6.29 3.26
CA GLY A 99 -2.49 6.99 4.13
C GLY A 99 -3.67 6.07 4.39
N GLN A 100 -4.66 6.59 5.12
CA GLN A 100 -5.89 5.85 5.45
C GLN A 100 -6.85 5.95 4.24
N ASN A 101 -6.49 5.25 3.17
CA ASN A 101 -6.98 5.61 1.83
C ASN A 101 -8.42 5.26 1.45
N ASN A 102 -9.07 4.39 2.23
CA ASN A 102 -10.50 4.12 2.03
C ASN A 102 -11.38 5.27 2.53
N VAL A 103 -10.81 6.12 3.37
CA VAL A 103 -11.60 7.10 4.16
C VAL A 103 -11.65 8.45 3.48
N TYR A 104 -12.86 8.97 3.33
CA TYR A 104 -13.08 10.31 2.81
C TYR A 104 -12.38 11.36 3.69
N GLY A 105 -11.62 12.25 3.06
CA GLY A 105 -10.93 13.31 3.79
C GLY A 105 -9.60 12.90 4.42
N ALA A 106 -9.21 11.62 4.24
CA ALA A 106 -7.91 11.15 4.73
C ALA A 106 -6.81 11.67 3.84
N THR A 107 -5.67 12.02 4.44
CA THR A 107 -4.49 12.42 3.66
C THR A 107 -4.05 11.27 2.75
N ILE A 108 -3.85 11.54 1.46
CA ILE A 108 -3.39 10.48 0.54
C ILE A 108 -1.94 10.75 0.15
N PHE A 109 -1.06 9.86 0.60
CA PHE A 109 0.39 9.96 0.34
C PHE A 109 0.74 9.36 -1.02
N PRO A 110 1.92 9.70 -1.59
CA PRO A 110 2.34 9.04 -2.83
C PRO A 110 2.41 7.53 -2.63
N HIS A 111 2.13 6.79 -3.70
CA HIS A 111 2.28 5.33 -3.66
C HIS A 111 3.76 4.94 -3.55
N ASN A 112 3.99 3.69 -3.17
CA ASN A 112 5.34 3.19 -2.86
C ASN A 112 6.43 3.45 -3.89
N VAL A 113 6.11 3.28 -5.18
CA VAL A 113 7.14 3.50 -6.21
C VAL A 113 7.72 4.91 -6.12
N GLY A 114 6.86 5.91 -5.93
CA GLY A 114 7.32 7.28 -5.73
C GLY A 114 8.13 7.44 -4.45
N LEU A 115 7.69 6.79 -3.37
CA LEU A 115 8.45 6.84 -2.12
C LEU A 115 9.86 6.27 -2.32
N GLY A 116 9.96 5.22 -3.13
CA GLY A 116 11.27 4.63 -3.46
C GLY A 116 12.17 5.63 -4.15
N ALA A 117 11.58 6.48 -4.99
CA ALA A 117 12.31 7.53 -5.71
C ALA A 117 12.92 8.58 -4.79
N THR A 118 12.38 8.73 -3.58
CA THR A 118 12.88 9.74 -2.65
C THR A 118 14.19 9.31 -1.98
N ARG A 119 14.43 7.99 -1.92
CA ARG A 119 15.56 7.41 -1.17
C ARG A 119 15.66 7.97 0.26
N ASP A 120 14.50 8.21 0.87
CA ASP A 120 14.45 8.86 2.17
C ASP A 120 13.66 8.01 3.17
N PRO A 121 14.33 7.04 3.81
CA PRO A 121 13.65 6.17 4.78
C PRO A 121 13.02 6.92 5.95
N TYR A 122 13.65 8.01 6.40
CA TYR A 122 13.06 8.78 7.51
C TYR A 122 11.75 9.45 7.11
N LEU A 123 11.69 9.96 5.88
CA LEU A 123 10.43 10.46 5.32
C LEU A 123 9.34 9.39 5.39
N VAL A 124 9.69 8.17 4.96
CA VAL A 124 8.74 7.05 4.97
C VAL A 124 8.34 6.67 6.39
N LYS A 125 9.28 6.73 7.32
CA LYS A 125 8.97 6.50 8.73
C LYS A 125 7.91 7.51 9.17
N ARG A 126 8.13 8.78 8.83
CA ARG A 126 7.17 9.84 9.20
C ARG A 126 5.80 9.64 8.58
N ILE A 127 5.77 9.13 7.36
CA ILE A 127 4.51 8.77 6.71
C ILE A 127 3.80 7.66 7.49
N GLY A 128 4.56 6.64 7.91
CA GLY A 128 4.02 5.61 8.79
C GLY A 128 3.41 6.19 10.07
N GLU A 129 4.12 7.14 10.68
CA GLU A 129 3.64 7.82 11.90
C GLU A 129 2.31 8.56 11.68
N ALA A 130 2.22 9.31 10.59
CA ALA A 130 1.00 10.04 10.23
C ALA A 130 -0.14 9.08 9.87
N THR A 131 0.18 8.04 9.11
CA THR A 131 -0.80 7.05 8.72
C THR A 131 -1.39 6.36 9.95
N ALA A 132 -0.53 5.96 10.89
CA ALA A 132 -1.03 5.37 12.15
C ALA A 132 -2.09 6.27 12.83
N LEU A 133 -1.82 7.57 12.87
CA LEU A 133 -2.72 8.52 13.53
C LEU A 133 -4.05 8.62 12.80
N GLU A 134 -4.00 8.69 11.47
CA GLU A 134 -5.24 8.77 10.69
C GLU A 134 -6.03 7.46 10.71
N VAL A 135 -5.33 6.33 10.81
CA VAL A 135 -6.02 5.03 10.98
C VAL A 135 -6.69 4.97 12.35
N ARG A 136 -5.96 5.33 13.40
CA ARG A 136 -6.56 5.38 14.74
C ARG A 136 -7.67 6.43 14.87
N ALA A 137 -7.61 7.47 14.04
CA ALA A 137 -8.70 8.47 13.97
C ALA A 137 -10.04 7.83 13.63
N THR A 138 -9.99 6.73 12.88
CA THR A 138 -11.20 6.01 12.44
C THR A 138 -11.51 4.79 13.32
N GLY A 139 -10.77 4.63 14.41
CA GLY A 139 -10.98 3.54 15.37
C GLY A 139 -10.34 2.21 15.00
N ILE A 140 -9.59 2.20 13.90
CA ILE A 140 -9.04 0.96 13.35
C ILE A 140 -7.64 0.75 13.92
N GLN A 141 -7.29 -0.50 14.20
CA GLN A 141 -6.07 -0.81 14.94
C GLN A 141 -4.97 -1.52 14.15
N TYR A 142 -5.25 -1.80 12.87
CA TYR A 142 -4.43 -2.73 12.09
C TYR A 142 -4.41 -2.32 10.60
N ALA A 143 -3.21 -2.07 10.08
CA ALA A 143 -3.05 -1.69 8.69
C ALA A 143 -2.34 -2.82 7.93
N PHE A 144 -2.88 -3.19 6.76
CA PHE A 144 -2.25 -4.20 5.92
C PHE A 144 -1.11 -3.58 5.11
N ALA A 145 -0.04 -3.18 5.78
CA ALA A 145 1.07 -2.48 5.14
C ALA A 145 2.30 -2.65 6.04
N PRO A 146 3.52 -2.60 5.47
CA PRO A 146 3.87 -2.31 4.07
C PRO A 146 3.86 -3.51 3.12
N CYS A 147 3.52 -3.24 1.86
CA CYS A 147 3.87 -4.15 0.79
C CYS A 147 5.37 -4.02 0.55
N ILE A 148 6.11 -5.10 0.84
CA ILE A 148 7.57 -5.16 0.62
C ILE A 148 7.93 -6.08 -0.55
N ALA A 149 7.00 -6.20 -1.49
CA ALA A 149 7.26 -6.84 -2.77
C ALA A 149 8.41 -6.12 -3.47
N VAL A 150 9.24 -6.89 -4.16
CA VAL A 150 10.28 -6.35 -5.02
C VAL A 150 9.83 -6.61 -6.45
N CYS A 151 9.22 -5.60 -7.07
CA CYS A 151 8.66 -5.77 -8.41
C CYS A 151 9.77 -5.90 -9.44
N ARG A 152 9.84 -7.06 -10.08
CA ARG A 152 10.91 -7.37 -11.05
C ARG A 152 10.45 -7.21 -12.50
N ASP A 153 9.19 -6.82 -12.70
CA ASP A 153 8.62 -6.69 -14.04
C ASP A 153 7.46 -5.71 -13.96
N PRO A 154 7.59 -4.50 -14.57
CA PRO A 154 6.58 -3.44 -14.43
C PRO A 154 5.24 -3.75 -15.10
N ARG A 155 5.17 -4.84 -15.85
CA ARG A 155 3.88 -5.30 -16.39
C ARG A 155 2.89 -5.75 -15.30
N TRP A 156 3.38 -5.93 -14.08
CA TRP A 156 2.57 -6.28 -12.91
C TRP A 156 1.69 -5.11 -12.49
N GLY A 157 0.41 -5.39 -12.25
CA GLY A 157 -0.55 -4.38 -11.81
C GLY A 157 -0.28 -3.80 -10.43
N ARG A 158 0.65 -4.39 -9.70
CA ARG A 158 0.98 -3.91 -8.37
C ARG A 158 2.39 -3.33 -8.30
N CYS A 159 3.00 -3.08 -9.46
CA CYS A 159 4.34 -2.52 -9.46
C CYS A 159 4.41 -1.21 -8.65
N TYR A 160 3.32 -0.43 -8.67
CA TYR A 160 3.31 0.83 -7.89
C TYR A 160 3.34 0.64 -6.37
N GLU A 161 2.93 -0.54 -5.91
CA GLU A 161 2.96 -0.91 -4.49
C GLU A 161 4.35 -1.38 -4.03
N SER A 162 5.29 -1.49 -4.96
CA SER A 162 6.66 -1.87 -4.64
C SER A 162 7.58 -0.65 -4.62
N TYR A 163 8.37 -0.49 -3.57
CA TYR A 163 9.30 0.66 -3.50
C TYR A 163 10.34 0.67 -4.61
N SER A 164 10.69 -0.51 -5.12
CA SER A 164 11.82 -0.62 -6.06
C SER A 164 12.00 -2.05 -6.57
N GLU A 165 12.63 -2.15 -7.73
CA GLU A 165 13.13 -3.44 -8.23
C GLU A 165 14.39 -3.87 -7.49
N ASP A 166 14.98 -2.94 -6.74
CA ASP A 166 16.21 -3.17 -5.97
C ASP A 166 15.85 -3.47 -4.52
N ARG A 167 16.07 -4.70 -4.10
CA ARG A 167 15.75 -5.12 -2.73
C ARG A 167 16.39 -4.24 -1.66
N ARG A 168 17.55 -3.65 -1.95
CA ARG A 168 18.23 -2.76 -1.00
C ARG A 168 17.38 -1.53 -0.68
N ILE A 169 16.74 -0.98 -1.70
CA ILE A 169 15.83 0.15 -1.49
C ILE A 169 14.59 -0.30 -0.71
N VAL A 170 14.01 -1.43 -1.09
CA VAL A 170 12.87 -2.00 -0.33
C VAL A 170 13.25 -2.20 1.13
N GLN A 171 14.43 -2.79 1.40
CA GLN A 171 14.88 -2.99 2.78
C GLN A 171 14.93 -1.67 3.54
N SER A 172 15.44 -0.61 2.89
CA SER A 172 15.58 0.68 3.53
C SER A 172 14.23 1.25 3.91
N MET A 173 13.22 0.99 3.08
CA MET A 173 11.89 1.55 3.28
C MET A 173 11.05 0.80 4.32
N THR A 174 11.59 -0.27 4.89
CA THR A 174 10.91 -0.99 5.99
C THR A 174 10.78 -0.11 7.23
N GLU A 175 11.40 1.07 7.20
CA GLU A 175 11.19 2.10 8.24
C GLU A 175 9.71 2.51 8.40
N LEU A 176 8.88 2.18 7.41
CA LEU A 176 7.43 2.40 7.54
C LEU A 176 6.91 1.67 8.78
N ILE A 177 7.46 0.49 9.06
CA ILE A 177 6.99 -0.36 10.15
C ILE A 177 7.07 0.30 11.54
N PRO A 178 8.28 0.73 11.96
CA PRO A 178 8.33 1.47 13.24
C PRO A 178 7.59 2.81 13.21
N GLY A 179 7.35 3.38 12.02
CA GLY A 179 6.46 4.54 11.94
C GLY A 179 5.04 4.16 12.34
N LEU A 180 4.51 3.12 11.70
CA LEU A 180 3.15 2.63 11.99
C LEU A 180 2.98 2.11 13.42
N GLN A 181 3.97 1.35 13.89
CA GLN A 181 3.87 0.60 15.15
C GLN A 181 4.54 1.25 16.35
N GLY A 182 5.48 2.16 16.09
CA GLY A 182 6.36 2.65 17.13
C GLY A 182 7.71 1.94 17.11
N ASP A 183 8.75 2.62 17.57
CA ASP A 183 10.10 2.04 17.66
C ASP A 183 10.15 0.93 18.70
N VAL A 184 10.79 -0.19 18.34
CA VAL A 184 10.99 -1.30 19.29
C VAL A 184 12.00 -0.92 20.38
N PRO A 185 11.89 -1.51 21.60
CA PRO A 185 12.83 -1.19 22.66
C PRO A 185 14.25 -1.69 22.38
N LYS A 186 15.23 -1.14 23.10
CA LYS A 186 16.64 -1.50 22.94
C LYS A 186 16.89 -3.01 23.12
N ASP A 187 16.07 -3.61 23.97
CA ASP A 187 16.20 -5.01 24.39
C ASP A 187 15.37 -5.95 23.51
N PHE A 188 15.27 -5.66 22.22
CA PHE A 188 14.28 -6.34 21.38
C PHE A 188 14.78 -7.57 20.63
N THR A 189 13.99 -8.64 20.69
CA THR A 189 14.30 -9.88 19.99
C THR A 189 13.65 -9.92 18.62
N SER A 190 14.48 -10.01 17.58
CA SER A 190 14.00 -10.05 16.20
C SER A 190 12.95 -11.14 16.02
N GLY A 191 11.84 -10.79 15.37
CA GLY A 191 10.75 -11.71 15.12
C GLY A 191 9.59 -11.58 16.09
N MET A 192 9.81 -10.95 17.24
CA MET A 192 8.71 -10.67 18.18
C MET A 192 7.80 -9.57 17.61
N PRO A 193 6.48 -9.65 17.87
CA PRO A 193 5.62 -8.55 17.44
C PRO A 193 5.71 -7.36 18.39
N PHE A 194 5.44 -6.17 17.86
CA PHE A 194 5.45 -4.96 18.67
C PHE A 194 4.45 -3.94 18.16
N VAL A 195 3.70 -3.34 19.08
CA VAL A 195 2.96 -2.10 18.83
C VAL A 195 3.04 -1.29 20.13
N ALA A 196 3.38 0.00 20.03
CA ALA A 196 3.67 0.80 21.23
C ALA A 196 2.45 1.02 22.14
N GLY A 197 1.27 1.03 21.55
CA GLY A 197 0.03 1.35 22.28
C GLY A 197 -1.07 1.93 21.41
N LYS A 198 -1.98 2.68 22.05
CA LYS A 198 -3.28 3.01 21.43
C LYS A 198 -3.20 4.07 20.33
N ASN A 199 -2.05 4.73 20.20
CA ASN A 199 -1.88 5.74 19.16
C ASN A 199 -1.10 5.22 17.94
N LYS A 200 -0.82 3.91 17.97
CA LYS A 200 -0.10 3.22 16.90
C LYS A 200 -0.96 2.05 16.42
N VAL A 201 -0.56 1.43 15.30
CA VAL A 201 -1.32 0.30 14.75
C VAL A 201 -0.40 -0.88 14.49
N ALA A 202 -0.97 -2.08 14.52
CA ALA A 202 -0.26 -3.27 14.05
C ALA A 202 -0.02 -3.15 12.54
N ALA A 203 1.17 -3.54 12.10
CA ALA A 203 1.52 -3.51 10.68
C ALA A 203 1.54 -4.92 10.10
N CYS A 204 1.72 -5.00 8.79
CA CYS A 204 1.66 -6.27 8.06
C CYS A 204 2.64 -6.26 6.89
N ALA A 205 3.72 -7.03 6.99
CA ALA A 205 4.65 -7.19 5.86
C ALA A 205 4.02 -8.16 4.85
N LYS A 206 3.88 -7.70 3.61
CA LYS A 206 3.16 -8.48 2.58
C LYS A 206 3.79 -8.31 1.19
N HIS A 207 3.59 -9.28 0.28
CA HIS A 207 2.90 -10.56 0.54
C HIS A 207 3.96 -11.66 0.47
N PHE A 208 4.01 -12.51 1.49
CA PHE A 208 5.08 -13.48 1.65
C PHE A 208 4.85 -14.69 0.73
N VAL A 209 5.77 -15.00 -0.19
CA VAL A 209 6.98 -14.24 -0.53
C VAL A 209 7.18 -14.35 -2.05
N GLY A 210 7.84 -13.35 -2.65
CA GLY A 210 8.09 -13.36 -4.09
C GLY A 210 6.93 -12.93 -4.95
N ASP A 211 5.99 -12.17 -4.37
CA ASP A 211 4.86 -11.61 -5.10
C ASP A 211 5.28 -10.73 -6.30
N GLY A 212 6.44 -10.08 -6.19
CA GLY A 212 6.95 -9.23 -7.25
C GLY A 212 7.82 -9.95 -8.27
N GLY A 213 7.90 -11.28 -8.17
CA GLY A 213 8.76 -12.07 -9.06
C GLY A 213 8.06 -12.96 -10.08
N THR A 214 6.77 -12.72 -10.33
CA THR A 214 5.97 -13.65 -11.14
C THR A 214 6.30 -13.54 -12.62
N VAL A 215 6.14 -14.64 -13.35
CA VAL A 215 6.40 -14.62 -14.80
C VAL A 215 5.55 -13.59 -15.55
N ASP A 216 6.23 -12.76 -16.34
CA ASP A 216 5.62 -11.68 -17.13
C ASP A 216 4.83 -10.68 -16.28
N GLY A 217 5.11 -10.66 -14.98
CA GLY A 217 4.39 -9.80 -14.03
C GLY A 217 2.90 -10.14 -13.93
N ILE A 218 2.54 -11.37 -14.27
CA ILE A 218 1.14 -11.80 -14.13
C ILE A 218 0.80 -11.86 -12.65
N ASN A 219 -0.21 -11.09 -12.26
CA ASN A 219 -0.61 -11.01 -10.86
C ASN A 219 -1.07 -12.38 -10.34
N GLU A 220 -0.64 -12.72 -9.12
CA GLU A 220 -1.00 -13.98 -8.43
C GLU A 220 -0.41 -15.24 -9.09
N ASN A 221 0.52 -15.06 -10.02
CA ASN A 221 1.03 -16.18 -10.82
C ASN A 221 2.22 -16.89 -10.20
N ASN A 222 3.02 -17.55 -11.04
CA ASN A 222 4.16 -18.35 -10.62
C ASN A 222 5.47 -17.56 -10.65
N THR A 223 6.19 -17.61 -9.53
CA THR A 223 7.54 -17.04 -9.44
C THR A 223 8.54 -18.18 -9.62
N ILE A 224 9.20 -18.18 -10.77
CA ILE A 224 10.15 -19.25 -11.10
C ILE A 224 11.57 -18.73 -10.89
N ILE A 225 12.17 -19.16 -9.78
CA ILE A 225 13.52 -18.74 -9.38
C ILE A 225 14.07 -19.77 -8.40
N ASN A 226 15.38 -20.01 -8.41
CA ASN A 226 15.97 -20.93 -7.44
C ASN A 226 15.96 -20.35 -6.02
N ARG A 227 16.19 -21.18 -5.00
CA ARG A 227 16.16 -20.72 -3.61
C ARG A 227 17.15 -19.57 -3.38
N GLU A 228 18.35 -19.70 -3.94
CA GLU A 228 19.34 -18.61 -3.86
C GLU A 228 18.78 -17.26 -4.30
N GLY A 229 18.13 -17.23 -5.47
CA GLY A 229 17.53 -16.00 -6.01
C GLY A 229 16.37 -15.49 -5.18
N LEU A 230 15.54 -16.42 -4.71
CA LEU A 230 14.44 -16.11 -3.81
C LEU A 230 15.00 -15.43 -2.56
N MET A 231 16.06 -16.00 -1.99
CA MET A 231 16.62 -15.51 -0.74
C MET A 231 17.41 -14.20 -0.88
N ASN A 232 17.95 -13.94 -2.08
CA ASN A 232 18.76 -12.74 -2.24
C ASN A 232 17.98 -11.52 -2.78
N ILE A 233 16.80 -11.78 -3.36
CA ILE A 233 15.97 -10.71 -3.94
C ILE A 233 14.68 -10.49 -3.14
N HIS A 234 13.91 -11.57 -2.95
CA HIS A 234 12.54 -11.44 -2.46
C HIS A 234 12.37 -11.55 -0.95
N MET A 235 13.33 -12.20 -0.30
CA MET A 235 13.28 -12.44 1.14
C MET A 235 13.91 -11.37 2.06
N PRO A 236 15.03 -10.73 1.63
CA PRO A 236 15.77 -9.86 2.56
C PRO A 236 14.93 -8.87 3.40
N ALA A 237 14.00 -8.16 2.78
CA ALA A 237 13.18 -7.17 3.51
C ALA A 237 12.32 -7.81 4.63
N TYR A 238 11.97 -9.09 4.49
CA TYR A 238 11.26 -9.77 5.58
C TYR A 238 12.10 -9.89 6.85
N LYS A 239 13.40 -10.11 6.69
CA LYS A 239 14.30 -10.11 7.84
C LYS A 239 14.37 -8.73 8.50
N ASN A 240 14.46 -7.67 7.70
CA ASN A 240 14.40 -6.32 8.23
C ASN A 240 13.09 -6.09 8.98
N ALA A 241 12.00 -6.59 8.43
CA ALA A 241 10.68 -6.51 9.07
C ALA A 241 10.68 -7.20 10.45
N MET A 242 11.27 -8.40 10.52
CA MET A 242 11.48 -9.14 11.78
C MET A 242 12.25 -8.30 12.79
N ASP A 243 13.34 -7.68 12.33
CA ASP A 243 14.19 -6.85 13.20
C ASP A 243 13.42 -5.66 13.78
N LYS A 244 12.38 -5.22 13.07
CA LYS A 244 11.60 -4.05 13.46
C LYS A 244 10.27 -4.43 14.11
N GLY A 245 10.13 -5.70 14.40
CA GLY A 245 8.99 -6.20 15.18
C GLY A 245 7.64 -6.14 14.48
N VAL A 246 7.63 -6.31 13.16
CA VAL A 246 6.37 -6.32 12.42
C VAL A 246 5.41 -7.33 13.08
N SER A 247 4.16 -6.91 13.29
CA SER A 247 3.22 -7.72 14.09
C SER A 247 2.63 -8.89 13.31
N THR A 248 2.44 -8.68 12.01
CA THR A 248 1.79 -9.70 11.19
C THR A 248 2.46 -9.81 9.83
N VAL A 249 2.24 -10.95 9.17
CA VAL A 249 2.72 -11.18 7.82
C VAL A 249 1.57 -11.78 7.01
N MET A 250 1.31 -11.22 5.83
CA MET A 250 0.27 -11.75 4.94
C MET A 250 0.88 -12.59 3.84
N ILE A 251 0.28 -13.75 3.61
CA ILE A 251 0.76 -14.67 2.57
C ILE A 251 0.29 -14.24 1.17
N SER A 252 1.15 -14.47 0.18
CA SER A 252 0.88 -14.12 -1.21
C SER A 252 -0.02 -15.12 -1.91
N TYR A 253 -0.91 -14.62 -2.77
CA TYR A 253 -1.62 -15.45 -3.75
C TYR A 253 -0.68 -16.20 -4.68
N SER A 254 0.52 -15.66 -4.93
CA SER A 254 1.44 -16.25 -5.91
C SER A 254 1.97 -17.61 -5.49
N SER A 255 2.68 -18.24 -6.43
CA SER A 255 3.33 -19.53 -6.22
C SER A 255 4.84 -19.38 -6.35
N TRP A 256 5.59 -20.33 -5.79
CA TRP A 256 7.04 -20.36 -5.98
C TRP A 256 7.39 -21.72 -6.55
N ASN A 257 7.94 -21.69 -7.77
CA ASN A 257 8.21 -22.90 -8.54
C ASN A 257 7.02 -23.87 -8.51
N GLY A 258 5.82 -23.31 -8.69
CA GLY A 258 4.61 -24.09 -8.83
C GLY A 258 3.88 -24.48 -7.55
N VAL A 259 4.42 -24.12 -6.40
CA VAL A 259 3.78 -24.42 -5.11
C VAL A 259 3.11 -23.14 -4.61
N LYS A 260 1.81 -23.21 -4.36
CA LYS A 260 1.06 -22.07 -3.82
C LYS A 260 1.64 -21.66 -2.47
N MET A 261 1.94 -20.37 -2.32
CA MET A 261 2.39 -19.84 -1.03
C MET A 261 1.46 -20.20 0.14
N HIS A 262 0.14 -20.13 -0.10
CA HIS A 262 -0.87 -20.48 0.91
C HIS A 262 -0.86 -21.94 1.37
N ALA A 263 -0.10 -22.78 0.66
CA ALA A 263 0.01 -24.20 1.01
C ALA A 263 1.47 -24.60 1.30
N ASN A 264 2.36 -23.62 1.39
CA ASN A 264 3.80 -23.92 1.52
C ASN A 264 4.30 -23.99 2.96
N GLN A 265 4.28 -25.20 3.54
CA GLN A 265 4.74 -25.40 4.90
C GLN A 265 6.22 -25.08 5.07
N ASP A 266 7.04 -25.47 4.09
CA ASP A 266 8.48 -25.24 4.15
C ASP A 266 8.83 -23.76 4.35
N LEU A 267 8.14 -22.88 3.62
CA LEU A 267 8.42 -21.45 3.71
C LEU A 267 7.71 -20.76 4.87
N VAL A 268 6.42 -21.05 5.04
CA VAL A 268 5.63 -20.42 6.12
C VAL A 268 6.07 -20.90 7.51
N THR A 269 6.16 -22.21 7.69
CA THR A 269 6.55 -22.74 9.00
C THR A 269 8.07 -22.89 9.10
N GLY A 270 8.66 -23.62 8.14
CA GLY A 270 10.08 -23.93 8.15
C GLY A 270 10.99 -22.70 8.11
N TYR A 271 10.63 -21.72 7.29
CA TYR A 271 11.46 -20.52 7.17
C TYR A 271 10.97 -19.33 8.01
N LEU A 272 9.78 -18.80 7.71
CA LEU A 272 9.27 -17.62 8.41
C LEU A 272 9.21 -17.85 9.92
N LYS A 273 8.51 -18.91 10.34
CA LYS A 273 8.37 -19.18 11.77
C LYS A 273 9.62 -19.77 12.41
N ASP A 274 10.19 -20.81 11.80
CA ASP A 274 11.25 -21.60 12.43
C ASP A 274 12.69 -21.07 12.24
N THR A 275 12.93 -20.30 11.17
CA THR A 275 14.27 -19.77 10.90
C THR A 275 14.37 -18.29 11.21
N LEU A 276 13.39 -17.51 10.75
CA LEU A 276 13.31 -16.08 11.07
C LEU A 276 12.77 -15.82 12.48
N LYS A 277 12.21 -16.86 13.09
CA LYS A 277 11.68 -16.82 14.46
C LYS A 277 10.55 -15.80 14.61
N PHE A 278 9.75 -15.66 13.56
CA PHE A 278 8.57 -14.81 13.59
C PHE A 278 7.59 -15.30 14.63
N LYS A 279 7.17 -14.42 15.55
CA LYS A 279 6.29 -14.79 16.65
C LYS A 279 4.97 -14.02 16.61
N GLY A 280 4.76 -13.20 15.58
CA GLY A 280 3.46 -12.56 15.37
C GLY A 280 2.54 -13.54 14.68
N PHE A 281 1.44 -13.05 14.10
CA PHE A 281 0.54 -13.95 13.38
C PHE A 281 0.60 -13.85 11.87
N VAL A 282 0.40 -14.98 11.20
CA VAL A 282 0.41 -15.07 9.75
C VAL A 282 -1.05 -15.08 9.29
N ILE A 283 -1.38 -14.15 8.39
CA ILE A 283 -2.74 -14.03 7.86
C ILE A 283 -2.77 -14.38 6.38
N SER A 284 -3.84 -15.02 5.93
CA SER A 284 -4.04 -15.27 4.50
C SER A 284 -4.39 -13.97 3.79
N ASP A 285 -4.27 -13.99 2.46
CA ASP A 285 -4.91 -12.95 1.64
C ASP A 285 -6.38 -13.35 1.46
N TRP A 286 -7.10 -12.54 0.73
CA TRP A 286 -8.57 -12.60 0.67
C TRP A 286 -9.01 -13.76 -0.22
N GLU A 287 -9.68 -14.76 0.38
CA GLU A 287 -9.95 -16.03 -0.30
C GLU A 287 -8.66 -16.67 -0.81
N GLY A 288 -7.55 -16.36 -0.15
CA GLY A 288 -6.25 -16.90 -0.53
C GLY A 288 -6.22 -18.42 -0.45
N ILE A 289 -6.87 -18.96 0.58
CA ILE A 289 -6.90 -20.42 0.71
C ILE A 289 -7.77 -21.06 -0.36
N ASP A 290 -8.89 -20.41 -0.71
CA ASP A 290 -9.74 -20.86 -1.83
C ASP A 290 -8.93 -21.02 -3.11
N ARG A 291 -7.99 -20.09 -3.32
CA ARG A 291 -7.28 -20.00 -4.58
C ARG A 291 -6.05 -20.91 -4.63
N ILE A 292 -5.87 -21.74 -3.59
CA ILE A 292 -4.90 -22.83 -3.63
C ILE A 292 -5.26 -23.81 -4.76
N THR A 293 -6.56 -24.07 -4.93
CA THR A 293 -7.07 -25.02 -5.93
C THR A 293 -7.42 -24.38 -7.25
N THR A 294 -7.48 -25.23 -8.29
CA THR A 294 -7.96 -24.85 -9.61
C THR A 294 -9.10 -25.79 -10.00
N PRO A 295 -10.33 -25.25 -10.21
CA PRO A 295 -10.75 -23.87 -10.02
C PRO A 295 -10.62 -23.43 -8.56
N ALA A 296 -10.52 -22.14 -8.33
CA ALA A 296 -10.56 -21.60 -6.98
C ALA A 296 -11.85 -22.03 -6.27
N GLY A 297 -11.73 -22.42 -5.00
CA GLY A 297 -12.89 -22.76 -4.19
C GLY A 297 -13.50 -24.13 -4.48
N SER A 298 -12.87 -24.92 -5.35
CA SER A 298 -13.45 -26.21 -5.76
C SER A 298 -13.27 -27.35 -4.74
N ASP A 299 -12.45 -27.14 -3.73
CA ASP A 299 -12.30 -28.11 -2.62
C ASP A 299 -11.89 -27.34 -1.37
N TYR A 300 -12.85 -26.67 -0.77
CA TYR A 300 -12.58 -25.81 0.39
C TYR A 300 -12.07 -26.61 1.59
N SER A 301 -12.54 -27.85 1.72
CA SER A 301 -12.02 -28.74 2.76
C SER A 301 -10.50 -28.90 2.64
N TYR A 302 -10.03 -29.17 1.43
CA TYR A 302 -8.59 -29.23 1.16
C TYR A 302 -7.90 -27.90 1.45
N SER A 303 -8.50 -26.79 0.99
CA SER A 303 -7.97 -25.45 1.22
C SER A 303 -7.68 -25.17 2.69
N VAL A 304 -8.65 -25.53 3.55
CA VAL A 304 -8.53 -25.31 4.98
C VAL A 304 -7.40 -26.19 5.51
N LYS A 305 -7.41 -27.47 5.12
CA LYS A 305 -6.41 -28.41 5.58
C LYS A 305 -4.99 -27.95 5.17
N ALA A 306 -4.82 -27.63 3.89
CA ALA A 306 -3.52 -27.23 3.34
C ALA A 306 -2.96 -25.98 4.01
N SER A 307 -3.79 -24.94 4.13
CA SER A 307 -3.34 -23.64 4.64
C SER A 307 -3.05 -23.67 6.14
N ILE A 308 -3.92 -24.31 6.91
CA ILE A 308 -3.71 -24.39 8.35
C ILE A 308 -2.49 -25.27 8.66
N LEU A 309 -2.34 -26.39 7.96
CA LEU A 309 -1.16 -27.22 8.16
C LEU A 309 0.13 -26.54 7.70
N ALA A 310 0.02 -25.67 6.70
CA ALA A 310 1.19 -24.94 6.18
C ALA A 310 1.73 -23.96 7.23
N GLY A 311 0.83 -23.55 8.12
CA GLY A 311 1.20 -22.70 9.25
C GLY A 311 0.52 -21.34 9.33
N LEU A 312 -0.48 -21.10 8.47
CA LEU A 312 -1.27 -19.86 8.58
C LEU A 312 -2.04 -19.82 9.88
N ASP A 313 -2.17 -18.63 10.46
CA ASP A 313 -2.78 -18.47 11.78
C ASP A 313 -4.19 -17.89 11.73
N MET A 314 -4.37 -16.88 10.87
CA MET A 314 -5.66 -16.20 10.72
C MET A 314 -6.08 -16.24 9.27
N ILE A 315 -7.35 -16.57 9.01
CA ILE A 315 -7.85 -16.67 7.64
C ILE A 315 -8.76 -15.48 7.33
N MET A 316 -8.39 -14.72 6.29
CA MET A 316 -9.23 -13.65 5.75
C MET A 316 -10.24 -14.35 4.86
N VAL A 317 -11.38 -14.72 5.44
CA VAL A 317 -12.29 -15.65 4.79
C VAL A 317 -12.73 -15.15 3.40
N PRO A 318 -13.31 -13.95 3.31
CA PRO A 318 -13.81 -13.04 4.34
C PRO A 318 -15.33 -13.12 4.56
N ASN A 319 -16.03 -13.88 3.72
CA ASN A 319 -17.50 -13.89 3.73
C ASN A 319 -18.12 -15.14 4.32
N LYS A 320 -17.63 -16.29 3.88
CA LYS A 320 -18.26 -17.57 4.20
C LYS A 320 -17.68 -18.16 5.48
N TYR A 321 -17.87 -17.43 6.58
CA TYR A 321 -17.29 -17.82 7.87
C TYR A 321 -17.92 -19.10 8.43
N GLN A 322 -19.21 -19.33 8.17
CA GLN A 322 -19.85 -20.49 8.75
C GLN A 322 -19.23 -21.77 8.19
N GLN A 323 -19.02 -21.78 6.88
CA GLN A 323 -18.35 -22.88 6.20
C GLN A 323 -16.92 -23.04 6.68
N PHE A 324 -16.16 -21.94 6.75
CA PHE A 324 -14.78 -22.01 7.23
C PHE A 324 -14.72 -22.64 8.61
N ILE A 325 -15.53 -22.11 9.54
CA ILE A 325 -15.50 -22.58 10.91
C ILE A 325 -15.94 -24.05 10.98
N SER A 326 -16.95 -24.41 10.19
CA SER A 326 -17.49 -25.77 10.22
C SER A 326 -16.43 -26.76 9.72
N ILE A 327 -15.77 -26.42 8.62
CA ILE A 327 -14.76 -27.30 8.01
C ILE A 327 -13.57 -27.45 8.95
N LEU A 328 -13.07 -26.33 9.48
CA LEU A 328 -11.92 -26.39 10.38
C LEU A 328 -12.24 -27.20 11.64
N THR A 329 -13.41 -26.96 12.23
CA THR A 329 -13.86 -27.73 13.40
C THR A 329 -13.89 -29.23 13.10
N GLY A 330 -14.42 -29.58 11.93
CA GLY A 330 -14.48 -30.97 11.49
C GLY A 330 -13.12 -31.63 11.37
N HIS A 331 -12.15 -30.91 10.79
CA HIS A 331 -10.79 -31.42 10.65
C HIS A 331 -10.13 -31.66 12.01
N VAL A 332 -10.39 -30.76 12.96
CA VAL A 332 -9.87 -30.94 14.32
C VAL A 332 -10.58 -32.11 15.02
N ASN A 333 -11.91 -32.15 14.94
CA ASN A 333 -12.70 -33.25 15.53
C ASN A 333 -12.27 -34.60 14.97
N GLY A 334 -11.86 -34.61 13.70
CA GLY A 334 -11.47 -35.84 13.01
C GLY A 334 -10.01 -36.22 13.16
N GLY A 335 -9.22 -35.37 13.82
CA GLY A 335 -7.80 -35.66 14.03
C GLY A 335 -6.88 -35.29 12.88
N VAL A 336 -7.45 -34.65 11.85
CA VAL A 336 -6.69 -34.30 10.65
C VAL A 336 -5.77 -33.11 10.89
N ILE A 337 -6.25 -32.16 11.69
CA ILE A 337 -5.43 -31.04 12.14
C ILE A 337 -5.28 -31.16 13.66
N PRO A 338 -4.03 -31.22 14.15
CA PRO A 338 -3.85 -31.43 15.59
C PRO A 338 -4.16 -30.17 16.40
N MET A 339 -4.55 -30.35 17.65
CA MET A 339 -4.79 -29.21 18.54
C MET A 339 -3.59 -28.31 18.71
N SER A 340 -2.38 -28.88 18.60
CA SER A 340 -1.14 -28.11 18.74
C SER A 340 -1.08 -27.00 17.68
N ARG A 341 -1.61 -27.29 16.49
CA ARG A 341 -1.61 -26.31 15.40
C ARG A 341 -2.59 -25.17 15.68
N ILE A 342 -3.79 -25.53 16.15
CA ILE A 342 -4.77 -24.53 16.57
C ILE A 342 -4.22 -23.67 17.71
N ASP A 343 -3.60 -24.33 18.69
CA ASP A 343 -3.05 -23.63 19.85
C ASP A 343 -1.93 -22.66 19.45
N ASP A 344 -1.09 -23.06 18.50
CA ASP A 344 -0.05 -22.18 17.96
C ASP A 344 -0.63 -20.94 17.29
N ALA A 345 -1.63 -21.15 16.44
CA ALA A 345 -2.29 -20.06 15.72
C ALA A 345 -2.91 -19.06 16.70
N VAL A 346 -3.62 -19.58 17.69
CA VAL A 346 -4.30 -18.72 18.66
C VAL A 346 -3.28 -18.01 19.57
N THR A 347 -2.22 -18.73 19.95
CA THR A 347 -1.13 -18.14 20.76
C THR A 347 -0.61 -16.88 20.08
N ARG A 348 -0.41 -16.99 18.77
CA ARG A 348 0.12 -15.88 17.96
C ARG A 348 -0.84 -14.69 17.83
N ILE A 349 -2.09 -14.99 17.52
CA ILE A 349 -3.14 -13.97 17.47
C ILE A 349 -3.27 -13.25 18.82
N LEU A 350 -3.38 -14.01 19.91
CA LEU A 350 -3.45 -13.39 21.24
C LEU A 350 -2.20 -12.61 21.60
N ARG A 351 -1.03 -13.13 21.26
CA ARG A 351 0.22 -12.42 21.53
C ARG A 351 0.20 -11.01 20.93
N VAL A 352 -0.21 -10.91 19.67
CA VAL A 352 -0.28 -9.61 19.01
C VAL A 352 -1.33 -8.72 19.70
N LYS A 353 -2.49 -9.29 20.03
CA LYS A 353 -3.55 -8.52 20.69
C LYS A 353 -3.12 -8.00 22.07
N PHE A 354 -2.55 -8.86 22.92
CA PHE A 354 -2.07 -8.41 24.22
C PHE A 354 -0.93 -7.40 24.07
N THR A 355 0.02 -7.71 23.21
CA THR A 355 1.20 -6.85 23.03
C THR A 355 0.83 -5.41 22.66
N MET A 356 -0.13 -5.27 21.75
CA MET A 356 -0.51 -3.95 21.23
C MET A 356 -1.42 -3.16 22.18
N GLY A 357 -1.84 -3.79 23.29
CA GLY A 357 -2.69 -3.14 24.28
C GLY A 357 -4.20 -3.24 23.99
N LEU A 358 -4.58 -4.12 23.08
CA LEU A 358 -5.98 -4.22 22.64
C LEU A 358 -6.94 -4.55 23.78
N PHE A 359 -6.50 -5.36 24.74
CA PHE A 359 -7.33 -5.72 25.90
C PHE A 359 -7.49 -4.52 26.85
N GLU A 360 -6.54 -3.59 26.83
CA GLU A 360 -6.63 -2.38 27.68
C GLU A 360 -7.37 -1.24 27.02
N ASN A 361 -7.28 -1.17 25.70
CA ASN A 361 -7.95 -0.13 24.93
C ASN A 361 -8.68 -0.71 23.71
N PRO A 362 -9.75 -1.50 23.96
CA PRO A 362 -10.47 -2.11 22.83
C PRO A 362 -11.32 -1.13 22.03
N TYR A 363 -11.64 0.04 22.60
CA TYR A 363 -12.51 1.01 21.94
C TYR A 363 -11.74 2.22 21.40
N ALA A 364 -12.39 2.92 20.47
CA ALA A 364 -11.80 4.08 19.82
C ALA A 364 -11.70 5.26 20.77
N ASP A 365 -10.78 6.19 20.46
CA ASP A 365 -10.61 7.42 21.21
C ASP A 365 -11.23 8.56 20.41
N PRO A 366 -12.38 9.10 20.86
CA PRO A 366 -13.04 10.15 20.09
C PRO A 366 -12.16 11.37 19.89
N ALA A 367 -11.19 11.57 20.79
CA ALA A 367 -10.25 12.70 20.69
C ALA A 367 -9.32 12.57 19.48
N MET A 368 -9.21 11.37 18.94
CA MET A 368 -8.34 11.11 17.78
C MET A 368 -9.01 11.41 16.44
N ALA A 369 -10.34 11.58 16.45
CA ALA A 369 -11.06 11.84 15.19
C ALA A 369 -10.44 12.99 14.40
N GLU A 370 -10.01 14.03 15.11
CA GLU A 370 -9.45 15.23 14.48
C GLU A 370 -8.11 15.01 13.77
N GLN A 371 -7.49 13.83 13.95
CA GLN A 371 -6.23 13.52 13.25
C GLN A 371 -6.44 13.32 11.74
N LEU A 372 -7.66 12.94 11.35
CA LEU A 372 -7.98 12.65 9.96
C LEU A 372 -7.78 13.88 9.07
N GLY A 373 -6.97 13.74 8.03
CA GLY A 373 -6.70 14.83 7.09
C GLY A 373 -5.99 16.06 7.65
N LYS A 374 -5.30 15.91 8.77
CA LYS A 374 -4.66 17.05 9.44
C LYS A 374 -3.69 17.77 8.51
N GLN A 375 -3.67 19.10 8.57
CA GLN A 375 -2.82 19.89 7.68
C GLN A 375 -1.34 19.50 7.79
N GLU A 376 -0.90 19.18 9.01
CA GLU A 376 0.49 18.75 9.24
C GLU A 376 0.81 17.49 8.41
N HIS A 377 -0.16 16.58 8.33
CA HIS A 377 0.00 15.35 7.56
C HIS A 377 -0.01 15.63 6.05
N ARG A 378 -0.86 16.55 5.63
CA ARG A 378 -0.87 16.99 4.23
C ARG A 378 0.44 17.68 3.86
N ASP A 379 1.01 18.46 4.78
CA ASP A 379 2.30 19.12 4.52
C ASP A 379 3.38 18.04 4.29
N LEU A 380 3.30 16.95 5.07
CA LEU A 380 4.20 15.80 4.91
C LEU A 380 4.00 15.10 3.55
N ALA A 381 2.75 14.88 3.18
CA ALA A 381 2.42 14.30 1.88
C ALA A 381 2.92 15.18 0.74
N ARG A 382 2.82 16.50 0.91
CA ARG A 382 3.30 17.46 -0.09
C ARG A 382 4.82 17.37 -0.26
N GLU A 383 5.54 17.29 0.86
CA GLU A 383 6.98 17.09 0.87
C GLU A 383 7.32 15.79 0.14
N ALA A 384 6.62 14.72 0.46
CA ALA A 384 6.89 13.40 -0.15
C ALA A 384 6.64 13.39 -1.66
N ALA A 385 5.52 13.98 -2.08
CA ALA A 385 5.19 14.06 -3.51
C ALA A 385 6.30 14.78 -4.27
N ARG A 386 6.73 15.93 -3.74
CA ARG A 386 7.81 16.71 -4.36
C ARG A 386 9.11 15.90 -4.44
N LYS A 387 9.46 15.22 -3.35
CA LYS A 387 10.71 14.43 -3.31
C LYS A 387 10.65 13.21 -4.23
N SER A 388 9.44 12.74 -4.54
CA SER A 388 9.27 11.55 -5.38
C SER A 388 9.46 11.83 -6.87
N LEU A 389 9.35 13.10 -7.25
CA LEU A 389 9.32 13.47 -8.67
C LEU A 389 10.67 13.21 -9.30
N VAL A 390 10.68 12.56 -10.45
CA VAL A 390 11.95 12.37 -11.18
C VAL A 390 11.95 13.16 -12.49
N LEU A 391 12.87 14.11 -12.58
CA LEU A 391 13.02 14.93 -13.78
C LEU A 391 13.80 14.13 -14.82
N LEU A 392 13.14 13.81 -15.94
CA LEU A 392 13.76 12.99 -16.98
C LEU A 392 14.40 13.82 -18.10
N LYS A 393 13.88 15.03 -18.30
CA LYS A 393 14.35 15.91 -19.38
C LYS A 393 14.04 17.35 -18.99
N ASN A 394 14.98 18.26 -19.25
CA ASN A 394 14.77 19.68 -18.92
C ASN A 394 15.39 20.60 -19.95
N GLY A 395 14.69 20.74 -21.07
CA GLY A 395 15.22 21.44 -22.23
C GLY A 395 15.11 20.48 -23.37
N LYS A 396 14.44 20.91 -24.44
CA LYS A 396 14.16 20.01 -25.54
C LYS A 396 15.44 19.40 -26.08
N THR A 397 16.49 20.21 -26.26
CA THR A 397 17.84 19.74 -26.60
C THR A 397 18.85 20.17 -25.53
N SER A 398 20.10 19.70 -25.67
CA SER A 398 21.15 19.95 -24.68
C SER A 398 21.63 21.41 -24.64
N THR A 399 21.32 22.16 -25.70
CA THR A 399 21.72 23.56 -25.79
C THR A 399 20.56 24.54 -25.50
N ASP A 400 19.37 23.99 -25.32
CA ASP A 400 18.21 24.81 -25.01
C ASP A 400 18.31 25.40 -23.62
N ALA A 401 17.61 26.51 -23.40
CA ALA A 401 17.41 27.02 -22.03
C ALA A 401 16.71 25.93 -21.22
N PRO A 402 17.12 25.77 -19.95
CA PRO A 402 16.35 24.87 -19.09
C PRO A 402 14.94 25.42 -18.89
N LEU A 403 13.94 24.58 -19.12
CA LEU A 403 12.54 25.02 -18.95
C LEU A 403 12.18 25.19 -17.47
N LEU A 404 12.58 24.21 -16.66
CA LEU A 404 12.28 24.23 -15.23
C LEU A 404 13.47 24.72 -14.42
N PRO A 405 13.23 25.55 -13.38
CA PRO A 405 11.91 26.00 -12.93
C PRO A 405 11.25 27.07 -13.81
N LEU A 406 9.92 27.03 -13.85
CA LEU A 406 9.09 27.98 -14.56
C LEU A 406 8.86 29.24 -13.73
N PRO A 407 8.65 30.39 -14.39
CA PRO A 407 8.39 31.64 -13.67
C PRO A 407 6.94 31.69 -13.16
N LYS A 408 6.77 32.16 -11.93
CA LYS A 408 5.44 32.31 -11.36
C LYS A 408 4.68 33.50 -11.93
N LYS A 409 5.41 34.46 -12.50
CA LYS A 409 4.80 35.62 -13.12
C LYS A 409 4.96 35.54 -14.64
N ALA A 410 3.83 35.49 -15.33
CA ALA A 410 3.79 35.49 -16.80
C ALA A 410 2.40 35.97 -17.20
N PRO A 411 2.25 36.62 -18.39
CA PRO A 411 0.92 37.14 -18.72
C PRO A 411 -0.19 36.10 -18.73
N LYS A 412 0.08 34.95 -19.34
CA LYS A 412 -0.94 33.92 -19.50
C LYS A 412 -0.27 32.57 -19.65
N ILE A 413 -0.80 31.56 -18.97
CA ILE A 413 -0.25 30.21 -19.05
C ILE A 413 -1.36 29.19 -19.26
N LEU A 414 -0.98 28.04 -19.80
CA LEU A 414 -1.95 26.98 -20.08
C LEU A 414 -1.69 25.77 -19.20
N VAL A 415 -2.75 25.27 -18.57
CA VAL A 415 -2.71 23.97 -17.90
C VAL A 415 -3.61 23.02 -18.69
N ALA A 416 -3.08 21.86 -19.06
CA ALA A 416 -3.81 20.96 -19.97
C ALA A 416 -3.65 19.49 -19.63
N GLY A 417 -4.50 18.64 -20.21
CA GLY A 417 -4.36 17.20 -20.07
C GLY A 417 -5.41 16.58 -19.18
N SER A 418 -5.68 15.30 -19.44
CA SER A 418 -6.62 14.48 -18.68
C SER A 418 -6.28 14.34 -17.19
N HIS A 419 -5.02 14.57 -16.83
CA HIS A 419 -4.58 14.37 -15.45
C HIS A 419 -4.29 15.68 -14.71
N ALA A 420 -4.52 16.80 -15.37
CA ALA A 420 -4.23 18.12 -14.78
C ALA A 420 -5.24 18.53 -13.71
N ASP A 421 -6.48 18.06 -13.85
CA ASP A 421 -7.54 18.41 -12.90
C ASP A 421 -8.38 17.20 -12.55
N ASN A 422 -7.72 16.16 -12.05
CA ASN A 422 -8.43 14.91 -11.74
C ASN A 422 -7.77 14.28 -10.53
N LEU A 423 -8.34 14.56 -9.36
CA LEU A 423 -7.76 14.10 -8.10
C LEU A 423 -7.68 12.57 -8.05
N GLY A 424 -8.74 11.89 -8.48
CA GLY A 424 -8.73 10.41 -8.51
C GLY A 424 -7.58 9.84 -9.33
N TYR A 425 -7.32 10.42 -10.51
CA TYR A 425 -6.20 9.99 -11.34
C TYR A 425 -4.84 10.21 -10.67
N GLN A 426 -4.66 11.33 -9.96
CA GLN A 426 -3.35 11.58 -9.37
C GLN A 426 -3.12 10.70 -8.13
N CYS A 427 -4.19 10.14 -7.58
CA CYS A 427 -4.10 9.20 -6.43
C CYS A 427 -3.90 7.73 -6.84
N GLY A 428 -4.49 7.33 -7.96
CA GLY A 428 -4.37 5.94 -8.45
C GLY A 428 -5.20 4.97 -7.60
N GLY A 429 -4.85 3.70 -7.68
CA GLY A 429 -5.63 2.63 -7.04
C GLY A 429 -5.58 2.73 -5.53
N TRP A 430 -6.41 1.95 -4.84
CA TRP A 430 -6.51 1.98 -3.37
C TRP A 430 -6.76 3.41 -2.88
N THR A 431 -7.73 4.10 -3.48
CA THR A 431 -8.10 5.43 -3.03
C THR A 431 -9.62 5.54 -3.12
N ILE A 432 -10.25 5.53 -1.95
CA ILE A 432 -11.72 5.54 -1.75
C ILE A 432 -12.40 4.25 -2.19
N GLU A 433 -12.14 3.85 -3.44
CA GLU A 433 -12.51 2.53 -3.95
C GLU A 433 -11.29 1.63 -4.09
N TRP A 434 -11.53 0.33 -4.12
CA TRP A 434 -10.44 -0.64 -4.33
C TRP A 434 -9.60 -0.27 -5.55
N GLN A 435 -10.26 -0.06 -6.69
CA GLN A 435 -9.58 0.22 -7.96
C GLN A 435 -9.27 1.71 -8.16
N GLY A 436 -9.49 2.52 -7.13
CA GLY A 436 -9.43 3.97 -7.31
C GLY A 436 -10.62 4.42 -8.14
N ASP A 437 -10.60 5.66 -8.62
CA ASP A 437 -11.76 6.23 -9.29
C ASP A 437 -11.36 7.53 -9.98
N THR A 438 -12.30 8.15 -10.69
CA THR A 438 -12.03 9.37 -11.45
C THR A 438 -12.70 10.58 -10.81
N GLY A 439 -12.05 11.73 -10.89
CA GLY A 439 -12.67 13.00 -10.46
C GLY A 439 -12.41 13.36 -9.01
N ARG A 440 -13.28 14.18 -8.44
CA ARG A 440 -13.05 14.73 -7.11
C ARG A 440 -13.64 13.76 -6.08
N THR A 441 -12.85 12.76 -5.74
CA THR A 441 -13.31 11.62 -4.94
C THR A 441 -13.06 11.80 -3.44
N THR A 442 -12.21 12.76 -3.11
CA THR A 442 -11.88 13.05 -1.72
C THR A 442 -11.40 14.51 -1.60
N VAL A 443 -10.85 14.87 -0.45
CA VAL A 443 -10.29 16.20 -0.23
C VAL A 443 -8.84 16.23 -0.72
N GLY A 444 -8.53 17.21 -1.57
CA GLY A 444 -7.17 17.32 -2.07
C GLY A 444 -7.01 18.52 -2.98
N THR A 445 -5.84 18.59 -3.61
CA THR A 445 -5.50 19.67 -4.52
C THR A 445 -4.98 19.05 -5.82
N THR A 446 -5.66 19.34 -6.93
CA THR A 446 -5.22 18.84 -8.23
C THR A 446 -4.05 19.69 -8.73
N ILE A 447 -3.43 19.25 -9.83
CA ILE A 447 -2.32 20.02 -10.41
C ILE A 447 -2.80 21.42 -10.83
N LEU A 448 -3.97 21.50 -11.47
CA LEU A 448 -4.54 22.80 -11.83
C LEU A 448 -4.71 23.70 -10.61
N GLU A 449 -5.31 23.17 -9.55
CA GLU A 449 -5.54 23.92 -8.31
C GLU A 449 -4.22 24.39 -7.71
N ALA A 450 -3.20 23.54 -7.79
CA ALA A 450 -1.87 23.86 -7.26
C ALA A 450 -1.22 24.98 -8.06
N VAL A 451 -1.36 24.91 -9.38
CA VAL A 451 -0.83 25.98 -10.24
C VAL A 451 -1.49 27.31 -9.88
N LYS A 452 -2.81 27.32 -9.75
CA LYS A 452 -3.56 28.55 -9.44
C LYS A 452 -3.12 29.10 -8.08
N ALA A 453 -2.80 28.20 -7.15
CA ALA A 453 -2.35 28.57 -5.80
C ALA A 453 -0.89 29.07 -5.77
N ALA A 454 -0.14 28.78 -6.82
CA ALA A 454 1.30 29.08 -6.83
C ALA A 454 1.66 30.37 -7.57
N VAL A 455 0.96 30.63 -8.65
CA VAL A 455 1.36 31.71 -9.56
C VAL A 455 1.06 33.12 -9.03
N ASP A 456 1.81 34.11 -9.50
CA ASP A 456 1.56 35.52 -9.20
C ASP A 456 0.09 35.88 -9.51
N PRO A 457 -0.50 36.80 -8.73
CA PRO A 457 -1.89 37.19 -9.01
C PRO A 457 -2.12 37.74 -10.44
N SER A 458 -1.08 38.30 -11.06
CA SER A 458 -1.20 38.86 -12.40
C SER A 458 -1.20 37.79 -13.50
N THR A 459 -0.83 36.55 -13.15
CA THR A 459 -0.79 35.55 -14.22
C THR A 459 -2.11 34.85 -14.47
N VAL A 460 -2.58 34.94 -15.71
CA VAL A 460 -3.83 34.35 -16.11
C VAL A 460 -3.62 32.87 -16.39
N VAL A 461 -4.38 32.03 -15.69
CA VAL A 461 -4.26 30.59 -15.85
C VAL A 461 -5.46 30.11 -16.65
N VAL A 462 -5.19 29.45 -17.77
CA VAL A 462 -6.25 28.88 -18.61
C VAL A 462 -6.19 27.37 -18.52
N PHE A 463 -7.34 26.74 -18.25
CA PHE A 463 -7.41 25.29 -18.28
C PHE A 463 -8.14 24.78 -19.53
N ALA A 464 -7.54 23.83 -20.23
CA ALA A 464 -8.21 23.14 -21.32
C ALA A 464 -7.81 21.68 -21.24
N GLU A 465 -8.78 20.79 -21.03
CA GLU A 465 -8.45 19.37 -20.88
C GLU A 465 -7.77 18.75 -22.10
N ASN A 466 -8.27 19.05 -23.30
CA ASN A 466 -7.69 18.50 -24.53
C ASN A 466 -7.75 19.51 -25.67
N PRO A 467 -6.92 20.56 -25.57
CA PRO A 467 -6.99 21.65 -26.55
C PRO A 467 -6.40 21.19 -27.87
N ASP A 468 -6.91 21.72 -28.97
CA ASP A 468 -6.31 21.41 -30.26
C ASP A 468 -5.13 22.34 -30.53
N ALA A 469 -4.31 21.97 -31.51
CA ALA A 469 -3.09 22.71 -31.82
C ALA A 469 -3.32 24.20 -32.04
N GLU A 470 -4.40 24.55 -32.72
CA GLU A 470 -4.67 25.95 -33.04
C GLU A 470 -4.99 26.78 -31.80
N PHE A 471 -5.73 26.18 -30.86
CA PHE A 471 -6.05 26.84 -29.60
C PHE A 471 -4.77 27.25 -28.87
N VAL A 472 -3.80 26.34 -28.85
CA VAL A 472 -2.55 26.58 -28.15
C VAL A 472 -1.69 27.65 -28.86
N LYS A 473 -1.52 27.47 -30.17
CA LYS A 473 -0.67 28.35 -30.97
C LYS A 473 -1.14 29.80 -30.97
N SER A 474 -2.46 30.00 -30.92
CA SER A 474 -3.04 31.33 -31.02
C SER A 474 -3.39 31.93 -29.67
N GLY A 475 -3.14 31.18 -28.61
CA GLY A 475 -3.56 31.54 -27.25
C GLY A 475 -2.76 32.60 -26.50
N GLY A 476 -1.59 32.97 -27.02
CA GLY A 476 -0.74 33.95 -26.34
C GLY A 476 -0.20 33.45 -25.00
N PHE A 477 0.12 32.16 -24.96
CA PHE A 477 0.63 31.53 -23.73
C PHE A 477 2.15 31.68 -23.60
N SER A 478 2.63 31.85 -22.37
CA SER A 478 4.06 31.90 -22.09
C SER A 478 4.65 30.51 -22.01
N TYR A 479 3.88 29.58 -21.45
CA TYR A 479 4.26 28.17 -21.36
C TYR A 479 3.02 27.36 -21.01
N ALA A 480 3.15 26.03 -21.06
CA ALA A 480 2.09 25.12 -20.68
C ALA A 480 2.57 24.04 -19.73
N ILE A 481 1.67 23.59 -18.87
CA ILE A 481 1.92 22.42 -18.03
C ILE A 481 0.87 21.42 -18.47
N VAL A 482 1.31 20.27 -18.95
CA VAL A 482 0.38 19.27 -19.47
C VAL A 482 0.57 17.96 -18.71
N ALA A 483 -0.52 17.44 -18.16
CA ALA A 483 -0.45 16.25 -17.30
C ALA A 483 -1.29 15.14 -17.89
N VAL A 484 -0.65 13.99 -18.10
CA VAL A 484 -1.30 12.82 -18.70
C VAL A 484 -0.79 11.55 -18.01
N GLY A 485 -1.36 10.39 -18.37
CA GLY A 485 -0.82 9.13 -17.87
C GLY A 485 -1.84 8.01 -17.70
N GLU A 486 -1.56 7.12 -16.76
CA GLU A 486 -2.39 5.95 -16.54
C GLU A 486 -3.64 6.27 -15.75
N HIS A 487 -4.67 5.47 -15.94
CA HIS A 487 -5.86 5.56 -15.10
C HIS A 487 -5.66 4.67 -13.89
N PRO A 488 -6.44 4.89 -12.81
CA PRO A 488 -6.29 4.09 -11.59
C PRO A 488 -6.57 2.59 -11.80
N TYR A 489 -5.78 1.75 -11.13
CA TYR A 489 -5.94 0.30 -11.22
C TYR A 489 -5.33 -0.34 -9.98
N THR A 490 -5.75 -1.57 -9.74
CA THR A 490 -5.28 -2.33 -8.60
C THR A 490 -5.25 -3.81 -8.97
N GLU A 491 -4.19 -4.49 -8.55
CA GLU A 491 -4.06 -5.93 -8.72
C GLU A 491 -4.25 -6.35 -10.20
N THR A 492 -5.04 -7.38 -10.48
CA THR A 492 -5.04 -7.95 -11.86
C THR A 492 -5.48 -6.95 -12.93
N LYS A 493 -6.41 -6.05 -12.59
CA LYS A 493 -6.86 -5.00 -13.52
C LYS A 493 -5.71 -4.13 -14.02
N GLY A 494 -4.62 -4.07 -13.25
CA GLY A 494 -3.44 -3.31 -13.65
C GLY A 494 -2.39 -4.06 -14.45
N ASP A 495 -2.53 -5.38 -14.55
CA ASP A 495 -1.62 -6.18 -15.39
C ASP A 495 -1.71 -5.63 -16.83
N ASN A 496 -0.56 -5.41 -17.45
CA ASN A 496 -0.53 -4.66 -18.71
C ASN A 496 0.72 -5.02 -19.52
N LEU A 497 0.51 -5.66 -20.68
CA LEU A 497 1.63 -6.15 -21.48
C LEU A 497 2.20 -5.12 -22.45
N ASN A 498 1.49 -4.02 -22.64
CA ASN A 498 1.89 -3.01 -23.63
C ASN A 498 2.47 -1.74 -23.02
N LEU A 499 2.01 -1.42 -21.81
CA LEU A 499 2.49 -0.28 -21.02
C LEU A 499 2.55 1.04 -21.80
N THR A 500 1.54 1.29 -22.63
CA THR A 500 1.42 2.60 -23.26
C THR A 500 0.22 3.32 -22.64
N ILE A 501 0.37 4.62 -22.42
CA ILE A 501 -0.69 5.35 -21.72
C ILE A 501 -1.94 5.49 -22.58
N PRO A 502 -3.14 5.53 -21.94
CA PRO A 502 -4.35 5.70 -22.71
C PRO A 502 -4.42 7.03 -23.43
N GLU A 503 -5.18 7.06 -24.51
CA GLU A 503 -5.40 8.30 -25.24
C GLU A 503 -6.76 8.88 -24.88
N PRO A 504 -6.94 10.21 -25.00
CA PRO A 504 -5.91 11.17 -25.39
C PRO A 504 -4.89 11.40 -24.27
N GLY A 505 -3.62 11.28 -24.62
CA GLY A 505 -2.53 11.51 -23.70
C GLY A 505 -1.39 12.05 -24.54
N LEU A 506 -0.80 11.18 -25.35
CA LEU A 506 0.25 11.59 -26.27
C LEU A 506 -0.25 12.65 -27.25
N SER A 507 -1.46 12.48 -27.78
CA SER A 507 -2.01 13.47 -28.72
C SER A 507 -2.09 14.88 -28.08
N THR A 508 -2.51 14.93 -26.82
CA THR A 508 -2.62 16.20 -26.10
C THR A 508 -1.25 16.83 -25.90
N VAL A 509 -0.29 16.02 -25.45
CA VAL A 509 1.08 16.49 -25.32
C VAL A 509 1.64 17.04 -26.64
N GLN A 510 1.43 16.29 -27.72
CA GLN A 510 1.89 16.76 -29.03
C GLN A 510 1.24 18.08 -29.46
N ALA A 511 -0.08 18.22 -29.25
CA ALA A 511 -0.80 19.44 -29.61
C ALA A 511 -0.35 20.66 -28.80
N VAL A 512 -0.18 20.46 -27.50
CA VAL A 512 0.21 21.54 -26.59
C VAL A 512 1.67 21.93 -26.83
N CYS A 513 2.56 20.94 -26.80
CA CYS A 513 4.00 21.19 -26.95
C CYS A 513 4.36 21.72 -28.33
N GLY A 514 3.55 21.37 -29.33
CA GLY A 514 3.73 21.93 -30.68
C GLY A 514 3.43 23.42 -30.77
N GLY A 515 2.63 23.92 -29.82
CA GLY A 515 2.19 25.32 -29.84
C GLY A 515 2.90 26.26 -28.90
N VAL A 516 3.49 25.72 -27.84
CA VAL A 516 4.17 26.53 -26.82
C VAL A 516 5.12 25.62 -26.03
N ARG A 517 6.16 26.23 -25.44
CA ARG A 517 7.07 25.45 -24.59
C ARG A 517 6.26 24.78 -23.48
N CYS A 518 6.57 23.53 -23.19
CA CYS A 518 5.71 22.73 -22.31
C CYS A 518 6.52 21.89 -21.31
N ALA A 519 5.97 21.78 -20.10
CA ALA A 519 6.43 20.82 -19.09
C ALA A 519 5.38 19.73 -19.00
N THR A 520 5.76 18.50 -19.35
CA THR A 520 4.86 17.36 -19.29
C THR A 520 5.00 16.66 -17.94
N VAL A 521 3.88 16.44 -17.27
CA VAL A 521 3.89 15.73 -15.98
C VAL A 521 3.22 14.39 -16.24
N LEU A 522 4.01 13.33 -16.12
CA LEU A 522 3.52 11.98 -16.38
C LEU A 522 3.08 11.32 -15.08
N ILE A 523 1.81 10.96 -15.00
CA ILE A 523 1.23 10.28 -13.84
C ILE A 523 1.13 8.80 -14.19
N SER A 524 1.83 7.96 -13.45
CA SER A 524 1.84 6.51 -13.74
C SER A 524 2.23 5.72 -12.51
N GLY A 525 1.93 4.42 -12.50
CA GLY A 525 2.33 3.58 -11.37
C GLY A 525 3.66 2.90 -11.62
N ARG A 526 4.31 3.27 -12.71
CA ARG A 526 5.44 2.50 -13.26
C ARG A 526 6.02 3.19 -14.50
N PRO A 527 7.24 2.78 -14.93
CA PRO A 527 7.66 3.24 -16.25
C PRO A 527 6.69 2.76 -17.32
N VAL A 528 6.49 3.59 -18.33
CA VAL A 528 5.62 3.29 -19.46
C VAL A 528 6.37 3.74 -20.71
N VAL A 529 5.91 3.31 -21.89
CA VAL A 529 6.56 3.75 -23.14
C VAL A 529 6.60 5.29 -23.17
N VAL A 530 7.81 5.84 -23.25
CA VAL A 530 7.98 7.27 -23.01
C VAL A 530 8.71 8.05 -24.12
N GLN A 531 9.34 7.36 -25.07
CA GLN A 531 10.07 8.06 -26.14
C GLN A 531 9.24 9.11 -26.90
N PRO A 532 7.99 8.77 -27.31
CA PRO A 532 7.15 9.76 -28.00
C PRO A 532 6.82 10.99 -27.13
N LEU A 533 6.52 10.77 -25.86
CA LEU A 533 6.28 11.86 -24.92
C LEU A 533 7.52 12.74 -24.79
N LEU A 534 8.68 12.10 -24.62
CA LEU A 534 9.96 12.78 -24.53
C LEU A 534 10.23 13.66 -25.75
N ALA A 535 10.02 13.08 -26.92
CA ALA A 535 10.30 13.76 -28.19
C ALA A 535 9.51 15.06 -28.34
N ALA A 536 8.24 15.03 -27.92
CA ALA A 536 7.37 16.21 -28.02
C ALA A 536 7.67 17.30 -26.97
N SER A 537 8.20 16.89 -25.82
CA SER A 537 8.24 17.76 -24.62
C SER A 537 9.53 18.55 -24.44
N ASP A 538 9.42 19.75 -23.89
CA ASP A 538 10.62 20.51 -23.51
C ASP A 538 11.16 19.96 -22.19
N ALA A 539 10.27 19.72 -21.25
CA ALA A 539 10.65 19.06 -20.00
C ALA A 539 9.65 17.96 -19.72
N LEU A 540 10.12 16.91 -19.05
CA LEU A 540 9.23 15.82 -18.65
C LEU A 540 9.56 15.32 -17.26
N VAL A 541 8.51 15.17 -16.44
CA VAL A 541 8.63 14.74 -15.06
C VAL A 541 7.83 13.46 -14.85
N ALA A 542 8.49 12.44 -14.31
CA ALA A 542 7.78 11.26 -13.83
C ALA A 542 7.32 11.57 -12.40
N ALA A 543 6.01 11.73 -12.23
CA ALA A 543 5.41 12.13 -10.95
C ALA A 543 4.82 10.92 -10.21
N TRP A 544 4.84 9.76 -10.86
CA TRP A 544 4.29 8.53 -10.27
C TRP A 544 2.81 8.74 -9.91
N LEU A 545 2.40 8.30 -8.72
CA LEU A 545 1.02 8.51 -8.24
C LEU A 545 1.09 9.32 -6.94
N PRO A 546 1.20 10.65 -7.07
CA PRO A 546 1.64 11.50 -5.95
C PRO A 546 0.64 11.73 -4.80
N GLY A 547 -0.62 11.35 -4.99
CA GLY A 547 -1.59 11.43 -3.90
C GLY A 547 -2.42 12.71 -3.90
N SER A 548 -2.93 13.06 -2.73
CA SER A 548 -3.90 14.17 -2.62
C SER A 548 -3.28 15.57 -2.72
N GLU A 549 -1.97 15.66 -2.54
CA GLU A 549 -1.32 16.97 -2.36
C GLU A 549 -0.59 17.42 -3.62
N GLY A 550 -1.40 17.88 -4.57
CA GLY A 550 -0.90 18.35 -5.86
C GLY A 550 0.14 19.45 -5.81
N GLN A 551 0.18 20.19 -4.69
CA GLN A 551 1.16 21.26 -4.55
C GLN A 551 2.58 20.73 -4.48
N GLY A 552 2.74 19.45 -4.17
CA GLY A 552 4.06 18.81 -4.26
C GLY A 552 4.66 18.89 -5.66
N VAL A 553 3.80 18.78 -6.68
CA VAL A 553 4.23 18.86 -8.07
C VAL A 553 4.70 20.28 -8.40
N THR A 554 3.87 21.26 -8.05
CA THR A 554 4.18 22.67 -8.39
C THR A 554 5.31 23.24 -7.57
N ASP A 555 5.51 22.72 -6.36
CA ASP A 555 6.67 23.10 -5.54
C ASP A 555 7.99 22.92 -6.29
N ALA A 556 8.09 21.86 -7.10
CA ALA A 556 9.28 21.65 -7.94
C ALA A 556 9.19 22.37 -9.29
N LEU A 557 8.01 22.37 -9.91
CA LEU A 557 7.85 23.01 -11.23
C LEU A 557 8.22 24.50 -11.20
N PHE A 558 7.84 25.19 -10.12
CA PHE A 558 8.09 26.61 -9.96
C PHE A 558 9.33 26.96 -9.13
N GLY A 559 10.11 25.93 -8.79
CA GLY A 559 11.42 26.13 -8.17
C GLY A 559 11.47 26.56 -6.72
N ASP A 560 10.38 26.35 -5.96
CA ASP A 560 10.44 26.54 -4.51
C ASP A 560 11.42 25.55 -3.89
N PHE A 561 11.50 24.38 -4.53
CA PHE A 561 12.47 23.36 -4.17
C PHE A 561 13.06 22.82 -5.45
N GLY A 562 14.24 22.23 -5.36
CA GLY A 562 14.86 21.60 -6.53
C GLY A 562 14.42 20.15 -6.67
N PHE A 563 14.44 19.64 -7.90
CA PHE A 563 14.20 18.23 -8.16
C PHE A 563 15.34 17.41 -7.57
N THR A 564 14.99 16.34 -6.87
CA THR A 564 15.99 15.48 -6.22
C THR A 564 15.71 13.98 -6.41
N GLY A 565 14.49 13.64 -6.83
CA GLY A 565 14.10 12.24 -6.96
C GLY A 565 14.97 11.51 -7.98
N ARG A 566 15.21 10.23 -7.73
CA ARG A 566 15.97 9.38 -8.65
C ARG A 566 15.21 8.10 -8.95
N LEU A 567 15.26 7.63 -10.19
CA LEU A 567 14.49 6.42 -10.56
C LEU A 567 14.75 5.25 -9.61
N PRO A 568 13.67 4.67 -9.04
CA PRO A 568 13.80 3.49 -8.19
C PRO A 568 13.66 2.20 -9.00
N ARG A 569 13.51 2.36 -10.31
CA ARG A 569 13.25 1.28 -11.25
C ARG A 569 13.98 1.61 -12.53
N THR A 570 14.29 0.57 -13.30
CA THR A 570 14.79 0.71 -14.67
C THR A 570 13.68 1.24 -15.58
N TRP A 571 14.01 2.22 -16.42
CA TRP A 571 13.08 2.65 -17.45
C TRP A 571 13.50 1.98 -18.76
N PHE A 572 12.67 1.07 -19.23
CA PHE A 572 12.96 0.28 -20.43
C PHE A 572 12.81 1.12 -21.70
N LYS A 573 13.46 0.65 -22.77
CA LYS A 573 13.28 1.18 -24.12
C LYS A 573 12.01 0.60 -24.76
N SER A 574 11.76 -0.68 -24.51
CA SER A 574 10.53 -1.33 -25.02
C SER A 574 10.14 -2.51 -24.15
N VAL A 575 8.86 -2.86 -24.19
CA VAL A 575 8.35 -3.94 -23.35
C VAL A 575 8.92 -5.31 -23.75
N ASP A 576 9.42 -5.44 -24.97
CA ASP A 576 9.99 -6.72 -25.37
C ASP A 576 11.35 -7.00 -24.71
N GLN A 577 11.93 -5.99 -24.06
CA GLN A 577 13.14 -6.18 -23.24
C GLN A 577 12.83 -6.87 -21.90
N LEU A 578 11.57 -6.84 -21.49
CA LEU A 578 11.19 -7.21 -20.13
C LEU A 578 11.18 -8.73 -19.87
N PRO A 579 11.54 -9.17 -18.65
CA PRO A 579 12.06 -8.36 -17.53
C PRO A 579 13.50 -7.91 -17.75
N MET A 580 13.84 -6.72 -17.23
CA MET A 580 15.17 -6.15 -17.35
C MET A 580 15.46 -5.28 -16.12
N ASN A 581 16.34 -5.75 -15.26
CA ASN A 581 16.63 -5.08 -13.98
C ASN A 581 18.12 -4.75 -13.85
N VAL A 582 18.46 -3.75 -13.03
CA VAL A 582 19.88 -3.43 -12.77
C VAL A 582 20.63 -4.66 -12.30
N GLY A 583 21.79 -4.88 -12.91
CA GLY A 583 22.61 -6.04 -12.59
C GLY A 583 22.49 -7.15 -13.62
N ASP A 584 21.48 -7.08 -14.47
CA ASP A 584 21.28 -8.07 -15.53
C ASP A 584 22.42 -8.03 -16.53
N ALA A 585 22.78 -9.21 -17.05
CA ALA A 585 23.81 -9.33 -18.07
C ALA A 585 23.45 -8.49 -19.28
N HIS A 586 22.21 -8.58 -19.74
CA HIS A 586 21.77 -7.67 -20.77
C HIS A 586 20.99 -6.53 -20.15
N TYR A 587 21.66 -5.39 -20.04
CA TYR A 587 21.04 -4.21 -19.45
C TYR A 587 21.18 -3.06 -20.43
N ASP A 588 20.05 -2.70 -21.05
CA ASP A 588 20.00 -1.66 -22.07
C ASP A 588 18.83 -0.71 -21.77
N PRO A 589 18.94 0.05 -20.68
CA PRO A 589 17.81 0.89 -20.32
C PRO A 589 17.73 2.18 -21.16
N LEU A 590 16.53 2.73 -21.26
CA LEU A 590 16.37 4.11 -21.69
C LEU A 590 16.93 5.04 -20.61
N PHE A 591 16.57 4.76 -19.35
CA PHE A 591 17.13 5.43 -18.18
C PHE A 591 17.42 4.37 -17.13
N ARG A 592 18.65 4.35 -16.63
CA ARG A 592 19.07 3.37 -15.62
C ARG A 592 18.40 3.67 -14.28
N LEU A 593 18.26 2.65 -13.43
CA LEU A 593 17.90 2.90 -12.03
C LEU A 593 18.88 3.91 -11.44
N GLY A 594 18.33 4.88 -10.72
CA GLY A 594 19.15 5.92 -10.09
C GLY A 594 19.26 7.20 -10.91
N TYR A 595 18.82 7.16 -12.17
CA TYR A 595 18.82 8.34 -13.02
C TYR A 595 17.85 9.42 -12.51
N GLY A 596 18.27 10.68 -12.58
CA GLY A 596 17.36 11.79 -12.25
C GLY A 596 18.09 13.10 -12.43
N LEU A 597 17.49 14.03 -13.17
CA LEU A 597 18.11 15.34 -13.34
C LEU A 597 17.77 16.21 -12.14
N THR A 598 18.56 17.25 -11.91
CA THR A 598 18.29 18.13 -10.76
C THR A 598 18.06 19.58 -11.19
N THR A 599 17.42 20.34 -10.30
CA THR A 599 17.35 21.79 -10.43
C THR A 599 17.70 22.37 -9.08
N ASN A 600 17.95 23.67 -9.05
CA ASN A 600 18.12 24.38 -7.78
C ASN A 600 16.94 25.30 -7.51
N ALA A 601 16.61 25.46 -6.24
CA ALA A 601 15.56 26.38 -5.82
C ALA A 601 15.85 27.81 -6.28
N THR A 602 14.82 28.53 -6.70
CA THR A 602 14.94 29.92 -7.13
C THR A 602 15.19 30.83 -5.92
#